data_6D9X
#
_entry.id   6D9X
#
_cell.length_a   81.291
_cell.length_b   86.273
_cell.length_c   40.288
_cell.angle_alpha   90.00
_cell.angle_beta   90.00
_cell.angle_gamma   90.00
#
_symmetry.space_group_name_H-M   'P 21 21 2'
#
loop_
_entity.id
_entity.type
_entity.pdbx_description
1 polymer 'WD repeat-containing protein 5'
2 non-polymer 'SODIUM ION'
3 non-polymer 2-phenyl-6,7-dihydro-5H-pyrrolo[1,2-a]imidazole
4 water water
#
_entity_poly.entity_id   1
_entity_poly.type   'polypeptide(L)'
_entity_poly.pdbx_seq_one_letter_code
;SATQSKPTPVKPNYALKFTLAGHTKAVSSVKFSPNGEWLASSSADKLIKIWGAYDGKFEKTISGHKLGISDVAWSSDSNL
LVSASDDKTLKIWDVSSGKCLKTLKGHSNYVFCCNFNPQSNLIVSGSFDESVRIWDVKTGKCLKTLPAHSDPVSAVHFNR
DGSLIVSSSYDGLCRIWDTASGQCLKTLIDDDNPPVSFVKFSPNGKYILAATLDNTLKLWDYSKGKCLKTYTGHKNEKYC
IFANFSVTGGKWIVSGSEDNLVYIWNLQTKEIVQKLQGHTDVVISTACHPTENIIASAALENDKTIKLWKSDC
;
_entity_poly.pdbx_strand_id   A
#
loop_
_chem_comp.id
_chem_comp.type
_chem_comp.name
_chem_comp.formula
FZM non-polymer 2-phenyl-6,7-dihydro-5H-pyrrolo[1,2-a]imidazole 'C12 H12 N2'
NA non-polymer 'SODIUM ION' 'Na 1'
#
# COMPACT_ATOMS: atom_id res chain seq x y z
N PRO A 9 -6.07 -18.89 16.46
CA PRO A 9 -5.69 -18.88 17.87
C PRO A 9 -5.20 -17.52 18.35
N VAL A 10 -4.33 -17.52 19.35
CA VAL A 10 -3.90 -16.27 19.98
C VAL A 10 -2.48 -15.90 19.47
N LYS A 11 -1.83 -16.84 18.81
CA LYS A 11 -0.59 -16.53 18.09
C LYS A 11 -0.57 -17.22 16.72
N PRO A 12 -0.24 -16.46 15.67
CA PRO A 12 0.05 -17.11 14.39
C PRO A 12 1.47 -17.66 14.43
N ASN A 13 1.83 -18.51 13.48
CA ASN A 13 3.18 -19.06 13.44
C ASN A 13 3.81 -18.93 12.04
N TYR A 14 3.95 -17.68 11.58
CA TYR A 14 4.47 -17.40 10.25
C TYR A 14 5.94 -17.80 10.12
N ALA A 15 6.25 -18.56 9.08
CA ALA A 15 7.62 -19.00 8.85
C ALA A 15 8.09 -18.71 7.43
N LEU A 16 9.37 -18.39 7.29
CA LEU A 16 9.95 -18.11 5.98
C LEU A 16 9.89 -19.32 5.06
N LYS A 17 9.25 -19.15 3.91
CA LYS A 17 9.18 -20.20 2.91
C LYS A 17 10.03 -19.86 1.70
N PHE A 18 9.94 -18.63 1.21
CA PHE A 18 10.72 -18.24 0.04
C PHE A 18 11.35 -16.86 0.15
N THR A 19 12.50 -16.70 -0.48
CA THR A 19 13.12 -15.39 -0.65
C THR A 19 13.24 -15.12 -2.13
N LEU A 20 12.78 -13.94 -2.55
CA LEU A 20 12.68 -13.61 -3.96
C LEU A 20 13.67 -12.52 -4.28
N ALA A 21 14.71 -12.85 -5.03
CA ALA A 21 15.77 -11.90 -5.34
C ALA A 21 15.73 -11.51 -6.80
N GLY A 22 16.06 -10.26 -7.11
CA GLY A 22 16.06 -9.85 -8.51
C GLY A 22 16.01 -8.35 -8.79
N HIS A 23 15.31 -7.59 -7.96
CA HIS A 23 15.41 -6.14 -8.05
C HIS A 23 16.82 -5.72 -7.70
N THR A 24 17.35 -4.74 -8.40
CA THR A 24 18.71 -4.29 -8.22
C THR A 24 18.81 -3.03 -7.37
N LYS A 25 17.67 -2.48 -6.93
CA LYS A 25 17.66 -1.37 -5.99
C LYS A 25 16.57 -1.63 -4.96
N ALA A 26 16.34 -0.67 -4.06
CA ALA A 26 15.33 -0.81 -3.01
C ALA A 26 13.99 -1.25 -3.57
N VAL A 27 13.33 -2.18 -2.91
CA VAL A 27 11.98 -2.54 -3.29
C VAL A 27 11.06 -1.53 -2.60
N SER A 28 9.99 -1.14 -3.27
CA SER A 28 9.16 -0.09 -2.73
C SER A 28 7.78 -0.60 -2.32
N SER A 29 7.27 -1.60 -3.03
CA SER A 29 5.88 -2.00 -2.86
C SER A 29 5.60 -3.41 -3.39
N VAL A 30 5.00 -4.24 -2.54
CA VAL A 30 4.48 -5.54 -2.97
C VAL A 30 2.97 -5.66 -2.77
N LYS A 31 2.29 -6.29 -3.74
CA LYS A 31 0.84 -6.50 -3.69
C LYS A 31 0.43 -7.86 -4.25
N PHE A 32 -0.45 -8.58 -3.55
CA PHE A 32 -0.99 -9.83 -4.09
C PHE A 32 -2.12 -9.56 -5.06
N SER A 33 -2.20 -10.34 -6.13
CA SER A 33 -3.33 -10.21 -7.05
C SER A 33 -4.61 -10.67 -6.36
N PRO A 34 -5.75 -10.05 -6.70
CA PRO A 34 -7.02 -10.43 -6.05
C PRO A 34 -7.35 -11.93 -6.20
N ASN A 35 -6.93 -12.55 -7.30
CA ASN A 35 -7.21 -13.97 -7.48
C ASN A 35 -6.23 -14.89 -6.76
N GLY A 36 -5.25 -14.31 -6.07
CA GLY A 36 -4.33 -15.04 -5.22
C GLY A 36 -3.18 -15.74 -5.93
N GLU A 37 -3.10 -15.58 -7.25
CA GLU A 37 -2.11 -16.32 -8.06
C GLU A 37 -0.74 -15.64 -8.14
N TRP A 38 -0.74 -14.32 -8.06
CA TRP A 38 0.48 -13.57 -8.32
C TRP A 38 0.83 -12.59 -7.23
N LEU A 39 2.13 -12.32 -7.15
CA LEU A 39 2.65 -11.20 -6.39
C LEU A 39 3.27 -10.18 -7.37
N ALA A 40 2.93 -8.90 -7.23
CA ALA A 40 3.58 -7.86 -8.02
C ALA A 40 4.52 -7.05 -7.13
N SER A 41 5.70 -6.71 -7.65
CA SER A 41 6.60 -5.84 -6.91
C SER A 41 7.08 -4.68 -7.74
N SER A 42 7.34 -3.57 -7.07
CA SER A 42 7.83 -2.36 -7.71
C SER A 42 9.09 -1.92 -7.02
N SER A 43 9.96 -1.24 -7.75
CA SER A 43 11.28 -0.93 -7.22
C SER A 43 11.82 0.45 -7.64
N ALA A 44 12.75 0.96 -6.84
CA ALA A 44 13.52 2.13 -7.21
C ALA A 44 14.37 1.88 -8.48
N ASP A 45 14.45 0.62 -8.94
CA ASP A 45 15.20 0.27 -10.15
C ASP A 45 14.37 0.44 -11.43
N LYS A 46 13.22 1.10 -11.29
CA LYS A 46 12.31 1.47 -12.37
C LYS A 46 11.50 0.29 -12.92
N LEU A 47 11.61 -0.87 -12.28
CA LEU A 47 10.93 -2.07 -12.79
C LEU A 47 9.75 -2.57 -11.94
N ILE A 48 8.78 -3.18 -12.60
CA ILE A 48 7.78 -4.03 -11.95
C ILE A 48 8.14 -5.49 -12.18
N LYS A 49 8.11 -6.32 -11.14
CA LYS A 49 8.32 -7.76 -11.36
C LYS A 49 7.11 -8.58 -10.88
N ILE A 50 6.79 -9.63 -11.61
CA ILE A 50 5.68 -10.52 -11.27
C ILE A 50 6.19 -11.87 -10.78
N TRP A 51 5.65 -12.36 -9.66
CA TRP A 51 6.08 -13.64 -9.07
C TRP A 51 4.87 -14.54 -8.76
N GLY A 52 5.09 -15.85 -8.70
CA GLY A 52 4.06 -16.76 -8.21
C GLY A 52 3.85 -16.57 -6.72
N ALA A 53 2.60 -16.45 -6.29
CA ALA A 53 2.30 -16.16 -4.89
C ALA A 53 2.56 -17.36 -3.98
N TYR A 54 2.40 -18.56 -4.51
CA TYR A 54 2.55 -19.77 -3.72
C TYR A 54 3.95 -20.39 -3.78
N ASP A 55 4.60 -20.25 -4.94
CA ASP A 55 5.92 -20.88 -5.13
C ASP A 55 7.06 -19.85 -5.13
N GLY A 56 6.72 -18.57 -5.17
CA GLY A 56 7.72 -17.51 -5.25
C GLY A 56 8.55 -17.47 -6.53
N LYS A 57 8.10 -18.19 -7.55
CA LYS A 57 8.88 -18.32 -8.78
C LYS A 57 8.74 -17.08 -9.67
N PHE A 58 9.87 -16.51 -10.08
CA PHE A 58 9.88 -15.34 -10.97
C PHE A 58 9.09 -15.60 -12.26
N GLU A 59 8.20 -14.67 -12.61
CA GLU A 59 7.39 -14.81 -13.82
C GLU A 59 7.86 -13.89 -14.94
N LYS A 60 7.87 -12.57 -14.70
CA LYS A 60 8.25 -11.62 -15.73
C LYS A 60 8.61 -10.23 -15.16
N THR A 61 9.23 -9.40 -16.00
CA THR A 61 9.54 -8.02 -15.68
C THR A 61 8.75 -7.10 -16.59
N ILE A 62 8.25 -6.00 -16.05
CA ILE A 62 7.50 -5.01 -16.80
C ILE A 62 8.21 -3.66 -16.66
N SER A 63 8.58 -3.06 -17.79
CA SER A 63 9.40 -1.85 -17.77
C SER A 63 8.78 -0.73 -18.61
N GLY A 64 9.27 0.49 -18.40
CA GLY A 64 8.70 1.64 -19.08
C GLY A 64 8.93 2.98 -18.39
N HIS A 65 8.84 2.99 -17.07
CA HIS A 65 9.04 4.24 -16.33
C HIS A 65 10.47 4.73 -16.49
N LYS A 66 10.63 6.06 -16.41
CA LYS A 66 11.93 6.68 -16.65
C LYS A 66 12.66 6.93 -15.34
N LEU A 67 11.94 6.83 -14.23
CA LEU A 67 12.52 6.90 -12.90
C LEU A 67 11.93 5.82 -11.97
N GLY A 68 12.39 5.81 -10.72
CA GLY A 68 11.94 4.81 -9.76
C GLY A 68 10.44 4.76 -9.56
N ILE A 69 9.95 3.60 -9.14
CA ILE A 69 8.52 3.38 -8.90
C ILE A 69 8.27 3.27 -7.41
N SER A 70 7.26 3.98 -6.91
CA SER A 70 6.98 4.02 -5.48
C SER A 70 5.87 3.06 -5.06
N ASP A 71 5.02 2.68 -6.01
CA ASP A 71 3.82 1.92 -5.67
C ASP A 71 3.24 1.21 -6.88
N VAL A 72 2.52 0.12 -6.61
CA VAL A 72 1.84 -0.64 -7.65
CA VAL A 72 1.82 -0.62 -7.65
C VAL A 72 0.51 -1.16 -7.10
N ALA A 73 -0.50 -1.33 -7.96
CA ALA A 73 -1.80 -1.82 -7.50
C ALA A 73 -2.49 -2.64 -8.58
N TRP A 74 -3.28 -3.64 -8.17
CA TRP A 74 -3.98 -4.51 -9.11
C TRP A 74 -5.40 -4.05 -9.38
N SER A 75 -5.85 -4.24 -10.61
CA SER A 75 -7.28 -4.19 -10.90
C SER A 75 -7.98 -5.40 -10.26
N SER A 76 -9.29 -5.29 -10.05
CA SER A 76 -10.09 -6.32 -9.38
C SER A 76 -10.11 -7.69 -10.07
N ASP A 77 -10.04 -7.69 -11.39
CA ASP A 77 -10.06 -8.95 -12.14
C ASP A 77 -8.66 -9.56 -12.30
N SER A 78 -7.69 -8.93 -11.63
CA SER A 78 -6.28 -9.38 -11.65
C SER A 78 -5.57 -9.23 -13.00
N ASN A 79 -6.17 -8.50 -13.94
CA ASN A 79 -5.63 -8.42 -15.30
C ASN A 79 -4.79 -7.17 -15.57
N LEU A 80 -5.01 -6.11 -14.81
CA LEU A 80 -4.25 -4.89 -15.01
C LEU A 80 -3.46 -4.50 -13.76
N LEU A 81 -2.44 -3.68 -13.97
CA LEU A 81 -1.69 -3.05 -12.89
C LEU A 81 -1.62 -1.56 -13.14
N VAL A 82 -1.55 -0.78 -12.06
CA VAL A 82 -1.16 0.62 -12.18
C VAL A 82 0.06 0.87 -11.31
N SER A 83 0.98 1.70 -11.81
CA SER A 83 2.18 2.02 -11.06
C SER A 83 2.34 3.53 -10.93
N ALA A 84 3.04 3.96 -9.88
CA ALA A 84 3.25 5.36 -9.57
C ALA A 84 4.75 5.66 -9.42
N SER A 85 5.24 6.62 -10.19
CA SER A 85 6.68 6.77 -10.39
C SER A 85 7.18 8.18 -10.11
N ASP A 86 8.47 8.28 -9.79
CA ASP A 86 9.13 9.56 -9.60
C ASP A 86 9.18 10.37 -10.89
N ASP A 87 8.84 9.75 -12.03
CA ASP A 87 8.84 10.50 -13.28
C ASP A 87 7.57 11.34 -13.47
N LYS A 88 6.82 11.51 -12.38
CA LYS A 88 5.62 12.36 -12.32
C LYS A 88 4.40 11.79 -13.04
N THR A 89 4.49 10.53 -13.46
CA THR A 89 3.39 9.87 -14.16
C THR A 89 2.90 8.60 -13.47
N LEU A 90 1.70 8.17 -13.81
CA LEU A 90 1.29 6.79 -13.59
C LEU A 90 1.15 6.02 -14.92
N LYS A 91 1.37 4.71 -14.88
CA LYS A 91 1.11 3.89 -16.07
C LYS A 91 0.17 2.74 -15.74
N ILE A 92 -0.75 2.49 -16.68
CA ILE A 92 -1.62 1.34 -16.61
C ILE A 92 -1.04 0.24 -17.52
N TRP A 93 -0.94 -0.97 -16.99
CA TRP A 93 -0.30 -2.08 -17.69
C TRP A 93 -1.24 -3.28 -17.91
N ASP A 94 -1.22 -3.84 -19.12
CA ASP A 94 -1.83 -5.15 -19.35
C ASP A 94 -0.83 -6.22 -18.94
N VAL A 95 -1.09 -6.88 -17.81
CA VAL A 95 -0.11 -7.78 -17.20
C VAL A 95 0.32 -8.94 -18.12
N SER A 96 -0.64 -9.50 -18.85
CA SER A 96 -0.37 -10.67 -19.69
CA SER A 96 -0.37 -10.66 -19.69
C SER A 96 0.55 -10.34 -20.88
N SER A 97 0.37 -9.17 -21.46
CA SER A 97 1.15 -8.75 -22.62
C SER A 97 2.35 -7.89 -22.25
N GLY A 98 2.34 -7.33 -21.04
CA GLY A 98 3.36 -6.37 -20.65
C GLY A 98 3.18 -4.98 -21.26
N LYS A 99 2.14 -4.81 -22.06
CA LYS A 99 1.91 -3.53 -22.73
C LYS A 99 1.46 -2.41 -21.79
N CYS A 100 2.03 -1.23 -21.97
CA CYS A 100 1.58 -0.04 -21.28
C CYS A 100 0.38 0.54 -22.02
N LEU A 101 -0.81 0.45 -21.41
CA LEU A 101 -2.04 0.88 -22.04
C LEU A 101 -2.24 2.40 -22.00
N LYS A 102 -1.93 3.01 -20.85
CA LYS A 102 -2.08 4.45 -20.69
C LYS A 102 -0.94 5.00 -19.86
N THR A 103 -0.58 6.26 -20.13
CA THR A 103 0.31 7.00 -19.25
C THR A 103 -0.49 8.17 -18.69
N LEU A 104 -0.69 8.18 -17.38
CA LEU A 104 -1.50 9.24 -16.75
C LEU A 104 -0.62 10.42 -16.39
N LYS A 105 -0.81 11.52 -17.12
CA LYS A 105 0.00 12.72 -16.94
C LYS A 105 -0.82 13.84 -16.31
N GLY A 106 -0.24 14.55 -15.36
CA GLY A 106 -0.98 15.61 -14.68
C GLY A 106 -0.30 16.10 -13.42
N HIS A 107 0.19 15.17 -12.60
CA HIS A 107 0.91 15.55 -11.40
C HIS A 107 2.15 16.34 -11.80
N SER A 108 2.58 17.24 -10.91
CA SER A 108 3.72 18.11 -11.17
C SER A 108 4.93 17.73 -10.33
N ASN A 109 4.88 16.55 -9.69
CA ASN A 109 5.98 16.05 -8.90
C ASN A 109 5.80 14.56 -8.70
N TYR A 110 6.71 13.94 -7.94
CA TYR A 110 6.69 12.48 -7.72
C TYR A 110 5.30 11.94 -7.41
N VAL A 111 4.89 10.87 -8.08
CA VAL A 111 3.66 10.21 -7.70
C VAL A 111 4.03 9.15 -6.68
N PHE A 112 3.44 9.19 -5.49
CA PHE A 112 3.89 8.33 -4.40
C PHE A 112 3.00 7.11 -4.09
N CYS A 113 1.73 7.17 -4.45
CA CYS A 113 0.77 6.12 -4.09
C CYS A 113 -0.37 6.01 -5.12
N CYS A 114 -0.93 4.82 -5.28
CA CYS A 114 -1.98 4.59 -6.26
C CYS A 114 -2.85 3.37 -5.95
N ASN A 115 -4.11 3.41 -6.40
CA ASN A 115 -5.05 2.31 -6.19
C ASN A 115 -6.19 2.34 -7.22
N PHE A 116 -6.72 1.16 -7.55
CA PHE A 116 -7.95 1.02 -8.32
C PHE A 116 -9.11 1.08 -7.33
N ASN A 117 -10.29 1.51 -7.78
CA ASN A 117 -11.50 1.26 -7.00
C ASN A 117 -11.98 -0.17 -7.26
N PRO A 118 -12.85 -0.70 -6.39
CA PRO A 118 -13.32 -2.08 -6.56
C PRO A 118 -13.87 -2.39 -7.96
N GLN A 119 -14.56 -1.44 -8.58
CA GLN A 119 -15.07 -1.62 -9.94
C GLN A 119 -13.94 -1.55 -10.96
N SER A 120 -12.85 -0.89 -10.57
CA SER A 120 -11.64 -0.74 -11.39
C SER A 120 -11.83 0.04 -12.69
N ASN A 121 -12.76 1.00 -12.69
CA ASN A 121 -12.88 1.95 -13.78
C ASN A 121 -12.21 3.27 -13.41
N LEU A 122 -11.89 3.42 -12.14
CA LEU A 122 -11.15 4.57 -11.63
C LEU A 122 -9.79 4.20 -11.05
N ILE A 123 -8.83 5.12 -11.14
CA ILE A 123 -7.63 5.05 -10.33
C ILE A 123 -7.51 6.32 -9.48
N VAL A 124 -7.07 6.17 -8.23
CA VAL A 124 -6.75 7.33 -7.42
C VAL A 124 -5.25 7.38 -7.19
N SER A 125 -4.69 8.59 -7.15
CA SER A 125 -3.26 8.78 -6.93
C SER A 125 -2.97 9.94 -5.98
N GLY A 126 -1.83 9.83 -5.31
CA GLY A 126 -1.32 10.86 -4.42
C GLY A 126 0.12 11.19 -4.79
N SER A 127 0.50 12.44 -4.57
CA SER A 127 1.78 12.93 -5.07
C SER A 127 2.52 13.87 -4.13
N PHE A 128 3.80 14.09 -4.44
N PHE A 128 3.81 14.08 -4.42
CA PHE A 128 4.64 15.06 -3.74
CA PHE A 128 4.62 15.05 -3.70
C PHE A 128 4.09 16.47 -3.93
C PHE A 128 4.10 16.47 -3.95
N ASP A 129 3.30 16.64 -4.99
CA ASP A 129 2.73 17.96 -5.32
C ASP A 129 1.53 18.29 -4.44
N GLU A 130 1.24 17.43 -3.47
CA GLU A 130 0.27 17.68 -2.39
C GLU A 130 -1.19 17.50 -2.83
N SER A 131 -1.39 16.98 -4.03
CA SER A 131 -2.74 16.76 -4.54
C SER A 131 -3.10 15.28 -4.62
N VAL A 132 -4.40 15.02 -4.67
CA VAL A 132 -4.96 13.71 -4.97
C VAL A 132 -5.68 13.79 -6.31
N ARG A 133 -5.41 12.86 -7.21
N ARG A 133 -5.42 12.85 -7.20
CA ARG A 133 -6.10 12.86 -8.50
CA ARG A 133 -6.09 12.84 -8.50
C ARG A 133 -6.89 11.58 -8.74
C ARG A 133 -6.90 11.57 -8.74
N ILE A 134 -8.01 11.73 -9.43
CA ILE A 134 -8.91 10.63 -9.76
C ILE A 134 -8.98 10.49 -11.29
N TRP A 135 -8.57 9.32 -11.78
CA TRP A 135 -8.42 9.10 -13.22
C TRP A 135 -9.39 8.08 -13.80
N ASP A 136 -9.72 8.26 -15.07
CA ASP A 136 -10.55 7.30 -15.78
C ASP A 136 -9.66 6.26 -16.46
N VAL A 137 -9.82 5.00 -16.08
CA VAL A 137 -8.96 3.91 -16.56
C VAL A 137 -9.01 3.77 -18.08
N LYS A 138 -10.20 3.89 -18.67
CA LYS A 138 -10.37 3.65 -20.09
C LYS A 138 -9.80 4.76 -20.97
N THR A 139 -9.94 6.01 -20.53
CA THR A 139 -9.50 7.12 -21.36
C THR A 139 -8.14 7.66 -20.90
N GLY A 140 -7.72 7.28 -19.69
CA GLY A 140 -6.46 7.74 -19.15
C GLY A 140 -6.42 9.21 -18.81
N LYS A 141 -7.60 9.82 -18.71
CA LYS A 141 -7.67 11.24 -18.43
C LYS A 141 -8.04 11.51 -16.97
N CYS A 142 -7.43 12.55 -16.41
CA CYS A 142 -7.73 12.93 -15.03
C CYS A 142 -9.14 13.50 -14.93
N LEU A 143 -9.95 12.92 -14.04
CA LEU A 143 -11.32 13.41 -13.85
C LEU A 143 -11.40 14.53 -12.81
N LYS A 144 -10.66 14.39 -11.72
CA LYS A 144 -10.67 15.38 -10.63
C LYS A 144 -9.29 15.63 -10.09
N THR A 145 -9.02 16.86 -9.68
CA THR A 145 -7.83 17.15 -8.87
C THR A 145 -8.29 17.72 -7.54
N LEU A 146 -7.90 17.06 -6.46
CA LEU A 146 -8.32 17.50 -5.14
C LEU A 146 -7.19 18.23 -4.40
N PRO A 147 -7.45 19.47 -3.93
CA PRO A 147 -6.49 20.22 -3.12
C PRO A 147 -6.36 19.59 -1.74
N ALA A 148 -5.87 18.36 -1.71
CA ALA A 148 -6.08 17.48 -0.55
C ALA A 148 -5.32 17.88 0.71
N HIS A 149 -4.05 18.25 0.54
CA HIS A 149 -3.14 18.40 1.67
C HIS A 149 -2.16 19.55 1.49
N SER A 150 -1.39 19.85 2.54
CA SER A 150 -0.40 20.94 2.51
C SER A 150 1.03 20.40 2.60
N ASP A 151 1.18 19.11 2.36
CA ASP A 151 2.48 18.42 2.31
C ASP A 151 2.30 17.19 1.44
N PRO A 152 3.40 16.49 1.09
CA PRO A 152 3.21 15.34 0.20
C PRO A 152 2.16 14.32 0.68
N VAL A 153 1.42 13.74 -0.26
CA VAL A 153 0.43 12.70 0.02
C VAL A 153 1.10 11.33 0.14
N SER A 154 0.94 10.68 1.30
CA SER A 154 1.66 9.45 1.59
C SER A 154 0.88 8.18 1.25
N ALA A 155 -0.44 8.27 1.21
CA ALA A 155 -1.29 7.12 0.87
C ALA A 155 -2.65 7.56 0.36
N VAL A 156 -3.23 6.75 -0.54
CA VAL A 156 -4.62 6.92 -0.98
C VAL A 156 -5.28 5.54 -1.09
N HIS A 157 -6.59 5.47 -0.84
CA HIS A 157 -7.29 4.18 -0.82
C HIS A 157 -8.81 4.33 -0.98
N PHE A 158 -9.41 3.47 -1.81
CA PHE A 158 -10.87 3.42 -1.93
C PHE A 158 -11.45 2.50 -0.87
N ASN A 159 -12.62 2.82 -0.36
CA ASN A 159 -13.33 1.91 0.52
C ASN A 159 -14.03 0.80 -0.31
N ARG A 160 -14.80 -0.04 0.38
CA ARG A 160 -15.29 -1.30 -0.21
C ARG A 160 -16.22 -1.14 -1.43
N ASP A 161 -16.98 -0.05 -1.51
CA ASP A 161 -17.88 0.12 -2.65
C ASP A 161 -17.46 1.27 -3.56
N GLY A 162 -16.32 1.89 -3.22
CA GLY A 162 -15.71 2.89 -4.09
C GLY A 162 -16.28 4.29 -3.93
N SER A 163 -17.21 4.47 -2.99
CA SER A 163 -17.87 5.77 -2.79
C SER A 163 -16.96 6.79 -2.10
N LEU A 164 -16.05 6.26 -1.27
CA LEU A 164 -15.14 7.07 -0.47
C LEU A 164 -13.65 6.80 -0.78
N ILE A 165 -12.84 7.84 -0.65
CA ILE A 165 -11.38 7.78 -0.76
C ILE A 165 -10.77 8.28 0.54
N VAL A 166 -9.80 7.55 1.08
CA VAL A 166 -9.05 8.13 2.19
C VAL A 166 -7.63 8.50 1.74
N SER A 167 -7.15 9.64 2.23
CA SER A 167 -5.81 10.12 1.98
C SER A 167 -5.12 10.51 3.27
N SER A 168 -3.79 10.44 3.24
CA SER A 168 -2.97 10.82 4.38
C SER A 168 -1.78 11.63 3.89
N SER A 169 -1.17 12.39 4.79
CA SER A 169 -0.09 13.28 4.40
C SER A 169 0.84 13.58 5.55
N TYR A 170 2.05 14.03 5.20
CA TYR A 170 3.00 14.52 6.17
C TYR A 170 2.48 15.76 6.91
N ASP A 171 1.40 16.36 6.41
CA ASP A 171 0.82 17.50 7.12
C ASP A 171 0.06 17.05 8.39
N GLY A 172 0.05 15.75 8.64
CA GLY A 172 -0.57 15.21 9.85
C GLY A 172 -2.04 14.85 9.73
N LEU A 173 -2.61 15.05 8.54
CA LEU A 173 -4.04 14.84 8.35
C LEU A 173 -4.39 13.55 7.60
N CYS A 174 -5.50 12.95 8.01
CA CYS A 174 -6.24 11.97 7.22
C CYS A 174 -7.52 12.62 6.78
N ARG A 175 -7.83 12.53 5.49
CA ARG A 175 -9.08 13.10 5.00
C ARG A 175 -9.90 12.11 4.19
N ILE A 176 -11.21 12.21 4.31
CA ILE A 176 -12.10 11.33 3.56
C ILE A 176 -12.84 12.14 2.50
N TRP A 177 -12.81 11.59 1.29
CA TRP A 177 -13.33 12.26 0.12
C TRP A 177 -14.46 11.47 -0.51
N ASP A 178 -15.48 12.18 -0.94
CA ASP A 178 -16.54 11.60 -1.75
C ASP A 178 -16.01 11.43 -3.17
N THR A 179 -15.99 10.18 -3.65
CA THR A 179 -15.43 9.92 -4.97
C THR A 179 -16.15 10.68 -6.09
N ALA A 180 -17.47 10.67 -6.05
CA ALA A 180 -18.26 11.21 -7.14
C ALA A 180 -18.19 12.74 -7.25
N SER A 181 -18.15 13.43 -6.11
CA SER A 181 -18.22 14.89 -6.11
C SER A 181 -16.88 15.57 -5.86
N GLY A 182 -15.97 14.86 -5.20
CA GLY A 182 -14.68 15.44 -4.87
C GLY A 182 -14.66 16.23 -3.58
N GLN A 183 -15.78 16.19 -2.84
CA GLN A 183 -15.88 16.95 -1.61
C GLN A 183 -15.19 16.28 -0.44
N CYS A 184 -14.47 17.07 0.36
CA CYS A 184 -13.89 16.59 1.60
C CYS A 184 -14.97 16.38 2.64
N LEU A 185 -15.21 15.13 3.01
CA LEU A 185 -16.27 14.78 3.96
C LEU A 185 -15.79 14.79 5.40
N LYS A 186 -14.48 14.62 5.60
CA LYS A 186 -13.97 14.51 6.94
C LYS A 186 -12.46 14.74 7.03
N THR A 187 -12.05 15.43 8.09
CA THR A 187 -10.64 15.56 8.45
C THR A 187 -10.42 14.98 9.84
N LEU A 188 -9.54 13.97 9.93
CA LEU A 188 -9.25 13.36 11.22
C LEU A 188 -8.04 14.01 11.89
N ILE A 189 -8.24 14.50 13.11
CA ILE A 189 -7.15 14.96 13.97
C ILE A 189 -7.20 14.25 15.31
N ASP A 190 -6.03 13.97 15.87
CA ASP A 190 -5.96 13.39 17.20
C ASP A 190 -5.51 14.45 18.20
N ASP A 191 -4.94 13.99 19.31
CA ASP A 191 -4.43 14.90 20.34
C ASP A 191 -3.23 15.66 19.80
N ASP A 192 -2.47 15.01 18.94
CA ASP A 192 -1.39 15.67 18.23
C ASP A 192 -1.49 15.31 16.75
N ASN A 193 -0.70 15.99 15.92
CA ASN A 193 -0.70 15.69 14.50
C ASN A 193 0.71 15.40 13.92
N PRO A 194 1.32 14.26 14.32
CA PRO A 194 2.56 13.86 13.66
C PRO A 194 2.29 13.51 12.20
N PRO A 195 3.33 13.50 11.34
CA PRO A 195 3.12 13.13 9.95
C PRO A 195 2.44 11.77 9.84
N VAL A 196 1.43 11.67 8.99
CA VAL A 196 0.78 10.39 8.74
C VAL A 196 1.42 9.79 7.50
N SER A 197 2.06 8.63 7.70
CA SER A 197 2.86 7.99 6.66
C SER A 197 2.09 6.93 5.87
N PHE A 198 0.94 6.52 6.37
CA PHE A 198 0.13 5.51 5.69
C PHE A 198 -1.30 5.47 6.19
N VAL A 199 -2.23 5.15 5.28
CA VAL A 199 -3.64 5.04 5.63
C VAL A 199 -4.37 4.07 4.68
N LYS A 200 -5.33 3.33 5.21
CA LYS A 200 -6.23 2.51 4.37
C LYS A 200 -7.49 2.10 5.16
N PHE A 201 -8.58 1.86 4.43
CA PHE A 201 -9.83 1.37 5.05
C PHE A 201 -9.68 -0.06 5.51
N SER A 202 -10.45 -0.44 6.53
CA SER A 202 -10.63 -1.84 6.94
C SER A 202 -11.45 -2.53 5.86
N PRO A 203 -11.34 -3.86 5.74
CA PRO A 203 -12.11 -4.55 4.69
C PRO A 203 -13.63 -4.24 4.67
N ASN A 204 -14.25 -4.14 5.85
CA ASN A 204 -15.68 -3.85 5.94
C ASN A 204 -15.98 -2.39 5.64
N GLY A 205 -14.95 -1.55 5.77
CA GLY A 205 -15.05 -0.15 5.42
C GLY A 205 -15.52 0.73 6.55
N LYS A 206 -15.57 0.20 7.76
CA LYS A 206 -16.04 0.98 8.90
C LYS A 206 -14.91 1.69 9.60
N TYR A 207 -13.68 1.23 9.38
CA TYR A 207 -12.53 1.76 10.09
C TYR A 207 -11.41 2.21 9.16
N ILE A 208 -10.49 2.98 9.72
CA ILE A 208 -9.31 3.44 9.00
C ILE A 208 -8.07 3.11 9.82
N LEU A 209 -7.09 2.46 9.20
CA LEU A 209 -5.83 2.22 9.84
C LEU A 209 -4.83 3.29 9.41
N ALA A 210 -4.18 3.92 10.38
CA ALA A 210 -3.29 5.05 10.06
C ALA A 210 -1.97 4.96 10.80
N ALA A 211 -0.88 5.10 10.05
CA ALA A 211 0.45 5.05 10.61
C ALA A 211 1.04 6.46 10.76
N THR A 212 1.70 6.71 11.88
CA THR A 212 2.34 8.00 12.07
C THR A 212 3.82 7.81 12.39
N LEU A 213 4.61 8.80 12.04
CA LEU A 213 6.05 8.74 12.20
C LEU A 213 6.47 9.02 13.64
N ASP A 214 5.64 8.55 14.58
CA ASP A 214 6.00 8.51 15.99
C ASP A 214 5.87 7.06 16.49
N ASN A 215 6.24 6.12 15.63
CA ASN A 215 6.27 4.70 15.95
C ASN A 215 4.92 4.14 16.38
N THR A 216 3.86 4.59 15.72
CA THR A 216 2.50 4.27 16.16
C THR A 216 1.52 4.00 15.01
N LEU A 217 0.75 2.93 15.16
CA LEU A 217 -0.40 2.64 14.31
C LEU A 217 -1.70 2.85 15.08
N LYS A 218 -2.70 3.44 14.43
CA LYS A 218 -3.99 3.69 15.06
C LYS A 218 -5.16 3.19 14.21
N LEU A 219 -6.11 2.52 14.86
CA LEU A 219 -7.37 2.16 14.22
C LEU A 219 -8.44 3.21 14.53
N TRP A 220 -8.96 3.85 13.50
CA TRP A 220 -9.99 4.89 13.64
C TRP A 220 -11.37 4.42 13.26
N ASP A 221 -12.37 4.74 14.06
CA ASP A 221 -13.73 4.76 13.55
C ASP A 221 -13.88 6.13 12.93
N TYR A 222 -14.05 6.20 11.62
CA TYR A 222 -14.02 7.51 10.98
C TYR A 222 -15.38 8.22 11.00
N SER A 223 -16.48 7.47 10.91
CA SER A 223 -17.81 8.08 10.99
C SER A 223 -17.99 8.81 12.33
N LYS A 224 -17.55 8.19 13.42
CA LYS A 224 -17.63 8.80 14.73
C LYS A 224 -16.40 9.65 15.05
N GLY A 225 -15.41 9.62 14.16
CA GLY A 225 -14.19 10.38 14.35
C GLY A 225 -13.40 10.08 15.61
N LYS A 226 -13.44 8.84 16.08
CA LYS A 226 -12.71 8.44 17.29
C LYS A 226 -11.63 7.40 17.03
N CYS A 227 -10.54 7.49 17.80
CA CYS A 227 -9.47 6.50 17.74
C CYS A 227 -9.71 5.35 18.72
N LEU A 228 -9.86 4.14 18.19
CA LEU A 228 -10.23 2.98 19.01
C LEU A 228 -9.03 2.21 19.54
N LYS A 229 -8.12 1.81 18.66
CA LYS A 229 -6.96 1.03 19.09
C LYS A 229 -5.64 1.72 18.76
N THR A 230 -4.60 1.34 19.48
CA THR A 230 -3.25 1.85 19.25
C THR A 230 -2.24 0.71 19.28
N TYR A 231 -1.39 0.65 18.27
CA TYR A 231 -0.41 -0.42 18.13
C TYR A 231 0.99 0.17 18.14
N THR A 232 1.83 -0.34 19.05
CA THR A 232 3.18 0.18 19.20
C THR A 232 4.20 -0.94 19.42
N GLY A 233 5.47 -0.57 19.58
CA GLY A 233 6.51 -1.55 19.84
C GLY A 233 7.48 -1.67 18.68
N HIS A 234 7.05 -1.22 17.51
CA HIS A 234 7.91 -1.21 16.32
C HIS A 234 8.59 0.14 16.15
N LYS A 235 9.49 0.23 15.18
CA LYS A 235 10.18 1.49 14.89
C LYS A 235 9.71 2.10 13.56
N ASN A 236 9.14 3.29 13.62
CA ASN A 236 8.72 3.97 12.40
C ASN A 236 8.78 5.50 12.59
N GLU A 237 9.91 6.07 12.22
CA GLU A 237 10.12 7.52 12.35
C GLU A 237 10.50 8.20 11.03
N LYS A 238 10.85 7.43 10.00
CA LYS A 238 11.34 8.07 8.78
C LYS A 238 10.57 7.67 7.52
N TYR A 239 10.17 6.41 7.43
CA TYR A 239 9.65 5.89 6.17
C TYR A 239 8.17 5.68 6.17
N CYS A 240 7.59 5.80 4.97
CA CYS A 240 6.19 5.47 4.75
C CYS A 240 6.04 3.96 4.57
N ILE A 241 5.67 3.29 5.65
CA ILE A 241 5.56 1.84 5.66
C ILE A 241 4.11 1.38 5.53
N PHE A 242 3.86 0.50 4.57
CA PHE A 242 2.54 -0.10 4.39
C PHE A 242 2.14 -0.88 5.65
N ALA A 243 0.83 -0.96 5.89
CA ALA A 243 0.28 -1.81 6.94
C ALA A 243 -0.96 -2.49 6.38
N ASN A 244 -1.39 -3.57 7.02
CA ASN A 244 -2.48 -4.39 6.48
C ASN A 244 -3.38 -4.95 7.55
N PHE A 245 -4.61 -5.25 7.17
CA PHE A 245 -5.46 -6.12 7.95
C PHE A 245 -5.28 -7.57 7.49
N SER A 246 -4.90 -8.44 8.42
CA SER A 246 -4.85 -9.87 8.14
C SER A 246 -6.16 -10.52 8.56
N VAL A 247 -6.90 -11.07 7.60
CA VAL A 247 -8.26 -11.53 7.88
C VAL A 247 -8.51 -13.00 7.50
N THR A 248 -7.51 -13.67 6.93
CA THR A 248 -7.71 -15.05 6.48
C THR A 248 -7.64 -16.05 7.64
N GLY A 249 -6.80 -15.77 8.63
CA GLY A 249 -6.69 -16.62 9.80
C GLY A 249 -7.16 -15.87 11.03
N GLY A 250 -6.24 -15.66 11.97
CA GLY A 250 -6.52 -14.79 13.10
C GLY A 250 -6.60 -13.35 12.63
N LYS A 251 -7.34 -12.52 13.37
CA LYS A 251 -7.49 -11.11 13.02
C LYS A 251 -6.31 -10.30 13.49
N TRP A 252 -5.36 -10.04 12.59
CA TRP A 252 -4.13 -9.34 12.97
C TRP A 252 -3.96 -7.98 12.30
N ILE A 253 -3.03 -7.21 12.84
CA ILE A 253 -2.50 -6.04 12.15
C ILE A 253 -1.07 -6.35 11.74
N VAL A 254 -0.76 -6.12 10.46
CA VAL A 254 0.56 -6.44 9.94
C VAL A 254 1.29 -5.22 9.40
N SER A 255 2.54 -5.01 9.81
CA SER A 255 3.29 -3.87 9.33
C SER A 255 4.81 -4.12 9.29
N GLY A 256 5.49 -3.43 8.39
CA GLY A 256 6.94 -3.45 8.38
C GLY A 256 7.45 -2.55 9.49
N SER A 257 8.77 -2.44 9.61
CA SER A 257 9.40 -1.69 10.68
C SER A 257 10.82 -1.29 10.30
N GLU A 258 11.34 -0.25 10.92
CA GLU A 258 12.68 0.22 10.57
C GLU A 258 13.74 -0.50 11.40
N ASP A 259 13.32 -1.51 12.16
CA ASP A 259 14.30 -2.43 12.77
C ASP A 259 14.42 -3.74 11.99
N ASN A 260 14.00 -3.70 10.72
CA ASN A 260 14.11 -4.83 9.80
C ASN A 260 13.18 -6.01 10.10
N LEU A 261 12.14 -5.78 10.89
CA LEU A 261 11.24 -6.89 11.23
C LEU A 261 9.84 -6.65 10.72
N VAL A 262 9.11 -7.75 10.51
CA VAL A 262 7.69 -7.69 10.23
C VAL A 262 6.98 -7.87 11.56
N TYR A 263 6.14 -6.91 11.92
CA TYR A 263 5.39 -6.97 13.18
C TYR A 263 3.96 -7.43 12.93
N ILE A 264 3.49 -8.35 13.77
CA ILE A 264 2.11 -8.78 13.74
C ILE A 264 1.46 -8.55 15.11
N TRP A 265 0.33 -7.84 15.12
CA TRP A 265 -0.40 -7.51 16.34
C TRP A 265 -1.76 -8.20 16.40
N ASN A 266 -2.12 -8.67 17.59
CA ASN A 266 -3.51 -8.99 17.87
C ASN A 266 -4.33 -7.71 17.72
N LEU A 267 -5.29 -7.71 16.82
CA LEU A 267 -6.04 -6.48 16.51
C LEU A 267 -6.84 -6.01 17.72
N GLN A 268 -7.31 -6.95 18.52
CA GLN A 268 -8.17 -6.65 19.65
C GLN A 268 -7.40 -6.20 20.89
N THR A 269 -6.46 -7.04 21.31
CA THR A 269 -5.70 -6.82 22.54
C THR A 269 -4.53 -5.87 22.33
N LYS A 270 -4.25 -5.55 21.07
CA LYS A 270 -3.16 -4.65 20.68
C LYS A 270 -1.77 -5.20 21.01
N GLU A 271 -1.71 -6.49 21.36
CA GLU A 271 -0.44 -7.11 21.72
C GLU A 271 0.32 -7.63 20.50
N ILE A 272 1.64 -7.51 20.57
CA ILE A 272 2.51 -8.13 19.56
C ILE A 272 2.46 -9.63 19.69
N VAL A 273 1.99 -10.30 18.65
CA VAL A 273 1.87 -11.74 18.70
C VAL A 273 3.00 -12.44 17.94
N GLN A 274 3.62 -11.74 16.99
CA GLN A 274 4.78 -12.30 16.28
C GLN A 274 5.67 -11.22 15.64
N LYS A 275 6.98 -11.47 15.63
CA LYS A 275 7.94 -10.60 14.96
C LYS A 275 8.80 -11.44 14.02
N LEU A 276 8.73 -11.15 12.73
CA LEU A 276 9.41 -11.97 11.72
C LEU A 276 10.83 -11.46 11.43
N GLN A 277 11.81 -12.35 11.59
CA GLN A 277 13.21 -12.00 11.41
C GLN A 277 13.76 -12.57 10.12
N GLY A 278 14.67 -11.85 9.47
CA GLY A 278 15.21 -12.31 8.21
C GLY A 278 15.71 -11.22 7.27
N HIS A 279 14.99 -10.10 7.20
CA HIS A 279 15.45 -9.01 6.37
C HIS A 279 16.69 -8.33 6.97
N THR A 280 17.47 -7.69 6.12
CA THR A 280 18.69 -7.01 6.57
C THR A 280 18.62 -5.47 6.45
N ASP A 281 17.45 -4.95 6.09
CA ASP A 281 17.24 -3.50 6.00
C ASP A 281 15.77 -3.21 6.29
N VAL A 282 15.39 -1.95 6.35
CA VAL A 282 14.02 -1.56 6.65
C VAL A 282 12.99 -2.36 5.86
N VAL A 283 12.01 -2.91 6.55
CA VAL A 283 10.88 -3.53 5.87
C VAL A 283 9.86 -2.44 5.53
N ILE A 284 9.81 -2.08 4.25
CA ILE A 284 9.05 -0.93 3.80
C ILE A 284 7.62 -1.32 3.43
N SER A 285 7.42 -2.57 3.06
CA SER A 285 6.14 -3.00 2.52
C SER A 285 5.81 -4.40 2.95
N THR A 286 4.53 -4.61 3.27
CA THR A 286 3.99 -5.93 3.56
C THR A 286 2.65 -6.07 2.85
N ALA A 287 2.28 -7.30 2.54
CA ALA A 287 0.98 -7.59 1.98
C ALA A 287 0.47 -8.92 2.49
N CYS A 288 -0.86 -9.06 2.50
CA CYS A 288 -1.53 -10.25 3.02
C CYS A 288 -2.30 -10.94 1.90
N HIS A 289 -2.05 -12.22 1.69
CA HIS A 289 -2.72 -12.99 0.65
C HIS A 289 -4.23 -12.99 0.89
N PRO A 290 -5.02 -12.84 -0.19
CA PRO A 290 -6.49 -12.76 -0.10
C PRO A 290 -7.17 -13.98 0.51
N THR A 291 -6.60 -15.18 0.40
CA THR A 291 -7.31 -16.39 0.87
C THR A 291 -6.47 -17.31 1.74
N GLU A 292 -5.15 -17.27 1.60
CA GLU A 292 -4.28 -18.11 2.41
C GLU A 292 -3.58 -17.29 3.49
N ASN A 293 -3.13 -17.97 4.54
CA ASN A 293 -2.30 -17.35 5.56
C ASN A 293 -0.88 -17.11 5.06
N ILE A 294 -0.74 -16.18 4.11
CA ILE A 294 0.56 -15.87 3.53
C ILE A 294 0.84 -14.36 3.60
N ILE A 295 2.05 -14.01 4.04
CA ILE A 295 2.47 -12.61 4.06
C ILE A 295 3.67 -12.40 3.14
N ALA A 296 3.61 -11.37 2.29
CA ALA A 296 4.78 -10.97 1.52
C ALA A 296 5.37 -9.73 2.16
N SER A 297 6.68 -9.69 2.28
CA SER A 297 7.37 -8.54 2.84
C SER A 297 8.49 -8.14 1.90
N ALA A 298 8.83 -6.86 1.86
CA ALA A 298 9.91 -6.40 0.98
C ALA A 298 10.76 -5.34 1.69
N ALA A 299 12.02 -5.22 1.31
CA ALA A 299 12.95 -4.38 2.05
C ALA A 299 13.72 -3.39 1.17
N LEU A 300 14.39 -2.46 1.82
CA LEU A 300 15.09 -1.36 1.16
C LEU A 300 16.49 -1.75 0.67
N GLU A 301 17.24 -0.72 0.26
CA GLU A 301 18.45 -0.83 -0.54
C GLU A 301 19.51 -1.88 -0.10
N ASN A 302 19.76 -2.02 1.20
CA ASN A 302 20.80 -2.95 1.67
C ASN A 302 20.37 -4.41 1.66
N ASP A 303 19.13 -4.65 1.27
CA ASP A 303 18.52 -5.97 1.33
C ASP A 303 18.04 -6.38 -0.07
N LYS A 304 17.12 -5.59 -0.61
CA LYS A 304 16.61 -5.76 -1.98
C LYS A 304 15.76 -7.02 -2.19
N THR A 305 15.52 -7.79 -1.13
CA THR A 305 14.75 -9.03 -1.31
C THR A 305 13.28 -8.91 -0.88
N ILE A 306 12.46 -9.78 -1.46
CA ILE A 306 11.10 -10.02 -1.04
C ILE A 306 11.00 -11.36 -0.31
N LYS A 307 10.30 -11.41 0.82
CA LYS A 307 10.17 -12.69 1.51
C LYS A 307 8.72 -13.12 1.59
N LEU A 308 8.49 -14.42 1.42
CA LEU A 308 7.16 -15.00 1.50
C LEU A 308 7.09 -15.87 2.74
N TRP A 309 6.15 -15.56 3.63
CA TRP A 309 6.01 -16.25 4.90
C TRP A 309 4.65 -16.94 4.97
N LYS A 310 4.65 -18.13 5.57
CA LYS A 310 3.43 -18.92 5.72
C LYS A 310 3.19 -19.36 7.17
N SER A 311 1.93 -19.29 7.59
CA SER A 311 1.50 -19.72 8.92
C SER A 311 0.40 -20.78 8.79
N ASP A 312 0.17 -21.55 9.85
CA ASP A 312 -0.91 -22.54 9.84
C ASP A 312 -2.22 -21.95 10.38
N CYS A 313 -2.12 -20.84 11.10
CA CYS A 313 -3.30 -20.11 11.57
C CYS A 313 -3.15 -18.62 11.38
NA NA B . 4.27 4.13 7.92
C12 FZM C . 9.83 4.44 0.71
C13 FZM C . 9.63 3.78 -1.60
C14 FZM C . 10.42 4.14 -0.50
C11 FZM C . 8.46 4.41 0.84
C10 FZM C . 8.24 3.75 -1.47
N01 FZM C . 5.46 4.07 1.06
C02 FZM C . 6.15 4.04 -0.09
N03 FZM C . 3.95 4.10 -0.50
C04 FZM C . 4.12 4.09 0.80
C05 FZM C . 5.19 4.07 -1.12
C06 FZM C . 7.66 4.05 -0.25
C07 FZM C . 2.62 4.13 -0.79
C08 FZM C . 2.84 4.11 1.45
C09 FZM C . 1.88 4.14 0.40
#